data_2NO4
#
_entry.id   2NO4
#
_cell.length_a   103.999
_cell.length_b   103.999
_cell.length_c   134.811
_cell.angle_alpha   90.000
_cell.angle_beta   90.000
_cell.angle_gamma   120.000
#
_symmetry.space_group_name_H-M   'P 31 2 1'
#
loop_
_entity.id
_entity.type
_entity.pdbx_description
1 polymer '(S)-2-haloacid dehalogenase IVA'
2 non-polymer 'SULFATE ION'
3 non-polymer 'CHLORIDE ION'
4 water water
#
_entity_poly.entity_id   1
_entity_poly.type   'polypeptide(L)'
_entity_poly.pdbx_seq_one_letter_code
;MDYKDDDDKLVDSLRACVFDAYGTLLDVHSAVMRNADEVGASAEALSMLWRQRQLEYSWTRTLMHQYADFWQLTDEALTF
ALRTYHLEDRKGLKDRLMSAYKELSAYPDAAETLEKLKSAGYIVAILSNGNDEMLQAALKASKLDRVLDSCLSADDLKIY
KPDPRIYQFACDRLGVNPNEVCFVSSNAWDLGGAGKFGFNTVRINRQGNPPEYEFAPLKHQVNSLSELWPLLAKNVTKAA
;
_entity_poly.pdbx_strand_id   A,B
#
loop_
_chem_comp.id
_chem_comp.type
_chem_comp.name
_chem_comp.formula
CL non-polymer 'CHLORIDE ION' 'Cl -1'
SO4 non-polymer 'SULFATE ION' 'O4 S -2'
#
# COMPACT_ATOMS: atom_id res chain seq x y z
N LEU A 10 -9.32 -26.26 18.82
CA LEU A 10 -9.73 -26.17 20.26
C LEU A 10 -8.56 -26.43 21.25
N VAL A 11 -8.08 -27.67 21.38
CA VAL A 11 -6.98 -27.98 22.34
C VAL A 11 -5.68 -28.60 21.76
N ASP A 12 -5.79 -29.44 20.72
CA ASP A 12 -4.65 -30.11 20.04
C ASP A 12 -4.77 -30.04 18.51
N SER A 13 -5.08 -28.85 18.01
CA SER A 13 -5.77 -28.72 16.72
C SER A 13 -4.97 -28.70 15.39
N LEU A 14 -3.69 -28.30 15.40
CA LEU A 14 -2.95 -27.98 14.16
C LEU A 14 -2.81 -29.11 13.13
N ARG A 15 -3.34 -28.88 11.92
CA ARG A 15 -3.27 -29.86 10.86
C ARG A 15 -2.44 -29.39 9.67
N ALA A 16 -2.30 -28.08 9.54
CA ALA A 16 -1.75 -27.48 8.34
C ALA A 16 -0.82 -26.34 8.70
N CYS A 17 0.34 -26.34 8.03
CA CYS A 17 1.25 -25.21 8.03
C CYS A 17 1.13 -24.54 6.65
N VAL A 18 0.58 -23.34 6.65
CA VAL A 18 0.39 -22.55 5.43
C VAL A 18 1.39 -21.39 5.45
N PHE A 19 2.23 -21.35 4.42
CA PHE A 19 3.27 -20.34 4.26
C PHE A 19 2.92 -19.29 3.21
N ASP A 20 3.23 -18.04 3.52
CA ASP A 20 3.45 -17.01 2.52
C ASP A 20 4.66 -17.38 1.64
N ALA A 21 4.68 -16.99 0.35
CA ALA A 21 5.93 -17.15 -0.44
C ALA A 21 6.87 -15.93 -0.44
N TYR A 22 6.45 -14.80 -1.01
CA TYR A 22 7.38 -13.71 -1.33
C TYR A 22 7.66 -12.86 -0.08
N GLY A 23 8.86 -13.02 0.48
CA GLY A 23 9.25 -12.36 1.73
C GLY A 23 9.43 -13.32 2.89
N THR A 24 8.91 -14.54 2.77
CA THR A 24 8.92 -15.52 3.86
C THR A 24 9.78 -16.74 3.50
N LEU A 25 9.43 -17.41 2.40
CA LEU A 25 10.24 -18.53 1.87
C LEU A 25 11.20 -18.04 0.82
N LEU A 26 10.77 -17.02 0.06
CA LEU A 26 11.57 -16.48 -1.05
C LEU A 26 12.07 -15.08 -0.69
N ASP A 27 13.34 -14.84 -0.93
CA ASP A 27 13.97 -13.57 -0.53
C ASP A 27 13.76 -12.49 -1.60
N VAL A 28 12.86 -11.54 -1.35
CA VAL A 28 12.57 -10.49 -2.34
C VAL A 28 13.75 -9.50 -2.57
N HIS A 29 14.67 -9.37 -1.59
CA HIS A 29 15.89 -8.52 -1.76
C HIS A 29 16.89 -9.05 -2.80
N SER A 30 16.82 -10.35 -3.09
CA SER A 30 17.85 -11.03 -3.90
C SER A 30 17.82 -10.68 -5.38
N ALA A 31 16.68 -10.25 -5.92
CA ALA A 31 16.61 -9.94 -7.35
C ALA A 31 17.51 -8.74 -7.68
N VAL A 32 17.45 -7.72 -6.82
CA VAL A 32 18.34 -6.55 -6.98
C VAL A 32 19.74 -6.86 -6.40
N MET A 33 19.82 -7.55 -5.26
CA MET A 33 21.11 -7.82 -4.65
C MET A 33 22.09 -8.52 -5.60
N ARG A 34 21.60 -9.55 -6.30
CA ARG A 34 22.41 -10.28 -7.25
C ARG A 34 22.89 -9.40 -8.41
N ASN A 35 22.18 -8.29 -8.66
CA ASN A 35 22.48 -7.42 -9.78
C ASN A 35 22.91 -6.02 -9.36
N ALA A 36 23.33 -5.86 -8.10
CA ALA A 36 23.56 -4.53 -7.51
C ALA A 36 24.62 -3.68 -8.25
N ASP A 37 25.68 -4.34 -8.74
CA ASP A 37 26.74 -3.64 -9.44
C ASP A 37 26.23 -3.09 -10.76
N GLU A 38 25.36 -3.83 -11.44
CA GLU A 38 24.82 -3.33 -12.68
C GLU A 38 23.83 -2.19 -12.43
N VAL A 39 23.16 -2.23 -11.29
CA VAL A 39 22.19 -1.17 -10.91
C VAL A 39 22.93 0.13 -10.47
N GLY A 40 23.99 0.00 -9.66
CA GLY A 40 24.77 1.15 -9.16
C GLY A 40 24.27 1.49 -7.76
N ALA A 41 24.60 2.68 -7.26
CA ALA A 41 24.45 2.96 -5.82
C ALA A 41 22.99 3.20 -5.35
N SER A 42 22.07 3.33 -6.29
CA SER A 42 20.64 3.41 -5.98
C SER A 42 19.99 2.03 -5.70
N ALA A 43 20.76 0.93 -5.75
CA ALA A 43 20.18 -0.42 -5.76
C ALA A 43 19.23 -0.66 -4.61
N GLU A 44 19.64 -0.33 -3.39
CA GLU A 44 18.81 -0.58 -2.21
C GLU A 44 17.49 0.23 -2.25
N ALA A 45 17.58 1.52 -2.59
CA ALA A 45 16.41 2.40 -2.74
C ALA A 45 15.48 1.89 -3.87
N LEU A 46 16.07 1.47 -5.00
CA LEU A 46 15.31 0.92 -6.08
C LEU A 46 14.52 -0.34 -5.63
N SER A 47 15.22 -1.21 -4.92
CA SER A 47 14.67 -2.47 -4.43
C SER A 47 13.49 -2.20 -3.50
N MET A 48 13.65 -1.27 -2.56
CA MET A 48 12.56 -0.87 -1.65
C MET A 48 11.37 -0.30 -2.42
N LEU A 49 11.62 0.53 -3.42
CA LEU A 49 10.53 1.17 -4.17
C LEU A 49 9.80 0.11 -5.01
N TRP A 50 10.57 -0.78 -5.63
CA TRP A 50 10.03 -1.87 -6.38
C TRP A 50 9.03 -2.71 -5.57
N ARG A 51 9.48 -3.15 -4.40
CA ARG A 51 8.65 -3.90 -3.48
C ARG A 51 7.39 -3.09 -2.99
N GLN A 52 7.56 -1.84 -2.58
CA GLN A 52 6.40 -1.09 -2.08
C GLN A 52 5.33 -0.88 -3.15
N ARG A 53 5.75 -0.61 -4.38
CA ARG A 53 4.77 -0.43 -5.51
C ARG A 53 4.09 -1.74 -5.95
N GLN A 54 4.84 -2.83 -5.94
CA GLN A 54 4.29 -4.16 -6.24
C GLN A 54 3.13 -4.46 -5.26
N LEU A 55 3.37 -4.23 -3.98
CA LEU A 55 2.35 -4.42 -2.96
C LEU A 55 1.22 -3.39 -3.01
N GLU A 56 1.58 -2.10 -3.15
CA GLU A 56 0.59 -1.03 -3.37
C GLU A 56 -0.39 -1.42 -4.48
N TYR A 57 0.15 -1.90 -5.62
CA TYR A 57 -0.69 -2.20 -6.78
C TYR A 57 -1.62 -3.37 -6.46
N SER A 58 -1.12 -4.36 -5.72
CA SER A 58 -1.93 -5.54 -5.36
C SER A 58 -3.15 -5.08 -4.50
N TRP A 59 -2.90 -4.15 -3.58
CA TRP A 59 -3.95 -3.66 -2.67
C TRP A 59 -4.92 -2.72 -3.37
N THR A 60 -4.40 -1.67 -3.99
CA THR A 60 -5.27 -0.69 -4.60
C THR A 60 -6.07 -1.27 -5.76
N ARG A 61 -5.48 -2.17 -6.56
CA ARG A 61 -6.22 -2.74 -7.68
C ARG A 61 -7.35 -3.65 -7.20
N THR A 62 -7.17 -4.31 -6.07
CA THR A 62 -8.26 -5.10 -5.50
C THR A 62 -9.41 -4.20 -5.02
N LEU A 63 -9.05 -3.13 -4.32
CA LEU A 63 -10.03 -2.15 -3.84
C LEU A 63 -10.84 -1.50 -4.96
N MET A 64 -10.20 -1.26 -6.10
CA MET A 64 -10.88 -0.59 -7.17
C MET A 64 -11.42 -1.58 -8.22
N HIS A 65 -11.25 -2.87 -7.99
CA HIS A 65 -11.80 -3.93 -8.87
C HIS A 65 -11.13 -3.92 -10.27
N GLN A 66 -9.82 -3.73 -10.30
CA GLN A 66 -9.09 -3.83 -11.57
C GLN A 66 -7.89 -4.78 -11.36
N TYR A 67 -8.19 -6.05 -11.11
CA TYR A 67 -7.15 -7.07 -10.95
C TYR A 67 -6.30 -7.30 -12.21
N ALA A 68 -4.99 -7.48 -11.99
CA ALA A 68 -4.08 -8.06 -12.98
C ALA A 68 -3.19 -8.94 -12.13
N ASP A 69 -2.59 -9.97 -12.73
CA ASP A 69 -1.80 -10.94 -11.99
C ASP A 69 -0.46 -10.38 -11.46
N PHE A 70 0.15 -11.14 -10.58
CA PHE A 70 1.21 -10.62 -9.74
C PHE A 70 2.44 -10.34 -10.56
N TRP A 71 2.65 -11.14 -11.61
CA TRP A 71 3.80 -10.93 -12.52
C TRP A 71 3.69 -9.61 -13.21
N GLN A 72 2.50 -9.33 -13.79
CA GLN A 72 2.21 -8.03 -14.36
C GLN A 72 2.46 -6.86 -13.39
N LEU A 73 2.02 -6.98 -12.13
CA LEU A 73 2.25 -5.91 -11.15
C LEU A 73 3.71 -5.76 -10.79
N THR A 74 4.42 -6.90 -10.69
CA THR A 74 5.89 -6.92 -10.46
C THR A 74 6.63 -6.16 -11.57
N ASP A 75 6.24 -6.42 -12.80
CA ASP A 75 6.73 -5.76 -14.00
C ASP A 75 6.44 -4.26 -13.94
N GLU A 76 5.17 -3.88 -13.74
CA GLU A 76 4.81 -2.46 -13.65
C GLU A 76 5.55 -1.73 -12.54
N ALA A 77 5.66 -2.39 -11.38
CA ALA A 77 6.34 -1.76 -10.25
C ALA A 77 7.84 -1.55 -10.58
N LEU A 78 8.45 -2.52 -11.27
CA LEU A 78 9.87 -2.45 -11.61
C LEU A 78 10.10 -1.31 -12.64
N THR A 79 9.26 -1.27 -13.66
CA THR A 79 9.33 -0.19 -14.63
C THR A 79 9.23 1.19 -13.97
N PHE A 80 8.29 1.34 -13.05
CA PHE A 80 8.09 2.58 -12.32
C PHE A 80 9.34 2.97 -11.50
N ALA A 81 9.88 1.99 -10.74
CA ALA A 81 11.10 2.17 -9.97
C ALA A 81 12.35 2.57 -10.82
N LEU A 82 12.58 1.86 -11.94
CA LEU A 82 13.69 2.18 -12.83
C LEU A 82 13.54 3.58 -13.39
N ARG A 83 12.31 3.95 -13.78
CA ARG A 83 12.02 5.30 -14.29
C ARG A 83 12.27 6.37 -13.23
N THR A 84 11.80 6.09 -12.01
CA THR A 84 11.97 6.97 -10.86
C THR A 84 13.47 7.31 -10.62
N TYR A 85 14.33 6.30 -10.74
CA TYR A 85 15.79 6.45 -10.51
C TYR A 85 16.58 6.85 -11.77
N HIS A 86 15.85 7.06 -12.86
CA HIS A 86 16.41 7.52 -14.16
C HIS A 86 17.53 6.61 -14.59
N LEU A 87 17.36 5.32 -14.45
CA LEU A 87 18.55 4.52 -14.63
C LEU A 87 19.04 4.47 -16.11
N GLU A 88 20.36 4.31 -16.28
CA GLU A 88 20.92 3.95 -17.57
C GLU A 88 20.56 2.48 -17.92
N ASP A 89 20.23 2.25 -19.20
CA ASP A 89 19.90 0.91 -19.73
C ASP A 89 18.77 0.23 -18.99
N ARG A 90 17.68 0.98 -18.81
CA ARG A 90 16.44 0.49 -18.19
C ARG A 90 16.06 -0.91 -18.77
N LYS A 91 16.28 -1.10 -20.06
CA LYS A 91 15.78 -2.25 -20.81
C LYS A 91 16.51 -3.56 -20.47
N GLY A 92 17.86 -3.52 -20.57
CA GLY A 92 18.71 -4.69 -20.26
C GLY A 92 18.62 -4.96 -18.77
N LEU A 93 18.68 -3.88 -18.01
CA LEU A 93 18.52 -3.94 -16.59
C LEU A 93 17.16 -4.57 -16.17
N LYS A 94 16.10 -4.16 -16.85
CA LYS A 94 14.76 -4.67 -16.54
C LYS A 94 14.66 -6.17 -16.81
N ASP A 95 15.17 -6.61 -17.98
CA ASP A 95 15.22 -8.04 -18.33
C ASP A 95 15.96 -8.86 -17.29
N ARG A 96 17.13 -8.39 -16.87
CA ARG A 96 17.92 -9.10 -15.86
C ARG A 96 17.21 -9.17 -14.52
N LEU A 97 16.65 -8.03 -14.08
CA LEU A 97 15.94 -7.99 -12.80
C LEU A 97 14.66 -8.84 -12.79
N MET A 98 13.89 -8.82 -13.87
CA MET A 98 12.70 -9.69 -13.94
C MET A 98 13.09 -11.18 -13.98
N SER A 99 14.16 -11.55 -14.73
CA SER A 99 14.65 -12.96 -14.75
C SER A 99 15.07 -13.39 -13.37
N ALA A 100 15.75 -12.50 -12.65
CA ALA A 100 16.19 -12.81 -11.29
C ALA A 100 14.96 -13.00 -10.37
N TYR A 101 13.91 -12.23 -10.63
CA TYR A 101 12.69 -12.33 -9.84
C TYR A 101 11.96 -13.64 -10.11
N LYS A 102 11.99 -14.07 -11.38
CA LYS A 102 11.33 -15.32 -11.76
C LYS A 102 11.86 -16.51 -10.96
N GLU A 103 13.18 -16.50 -10.71
CA GLU A 103 13.85 -17.49 -9.89
C GLU A 103 14.45 -16.87 -8.63
N LEU A 104 13.60 -16.15 -7.89
CA LEU A 104 13.97 -15.55 -6.62
C LEU A 104 14.60 -16.60 -5.70
N SER A 105 15.70 -16.22 -5.07
CA SER A 105 16.41 -17.07 -4.13
C SER A 105 15.53 -17.42 -2.95
N ALA A 106 15.61 -18.68 -2.51
CA ALA A 106 14.93 -19.10 -1.32
C ALA A 106 15.80 -18.71 -0.12
N TYR A 107 15.16 -18.50 1.01
CA TYR A 107 15.92 -18.34 2.24
C TYR A 107 16.62 -19.66 2.57
N PRO A 108 17.82 -19.59 3.18
CA PRO A 108 18.69 -20.78 3.31
C PRO A 108 18.07 -21.96 4.10
N ASP A 109 17.15 -21.67 5.02
CA ASP A 109 16.51 -22.71 5.85
C ASP A 109 15.15 -23.19 5.32
N ALA A 110 14.66 -22.59 4.23
CA ALA A 110 13.32 -22.97 3.71
C ALA A 110 13.12 -24.48 3.41
N ALA A 111 13.94 -25.02 2.51
CA ALA A 111 13.84 -26.42 2.06
C ALA A 111 13.83 -27.39 3.22
N GLU A 112 14.80 -27.27 4.11
CA GLU A 112 14.92 -28.16 5.27
C GLU A 112 13.73 -28.08 6.23
N THR A 113 13.27 -26.87 6.52
CA THR A 113 12.18 -26.73 7.50
C THR A 113 10.82 -27.22 6.96
N LEU A 114 10.57 -27.03 5.66
CA LEU A 114 9.38 -27.58 5.00
C LEU A 114 9.43 -29.14 4.98
N GLU A 115 10.61 -29.69 4.72
CA GLU A 115 10.85 -31.15 4.77
C GLU A 115 10.49 -31.71 6.13
N LYS A 116 11.01 -31.07 7.19
CA LYS A 116 10.78 -31.48 8.57
C LYS A 116 9.32 -31.40 8.97
N LEU A 117 8.61 -30.40 8.47
CA LEU A 117 7.19 -30.27 8.77
C LEU A 117 6.38 -31.30 8.02
N LYS A 118 6.79 -31.57 6.78
CA LYS A 118 6.11 -32.56 5.97
C LYS A 118 6.28 -33.96 6.58
N SER A 119 7.42 -34.21 7.21
CA SER A 119 7.71 -35.48 7.90
C SER A 119 6.98 -35.66 9.21
N ALA A 120 6.75 -34.56 9.93
CA ALA A 120 5.90 -34.61 11.12
C ALA A 120 4.41 -34.86 10.77
N GLY A 121 4.10 -34.92 9.46
CA GLY A 121 2.74 -35.20 8.97
C GLY A 121 1.78 -34.01 8.87
N TYR A 122 2.33 -32.80 8.84
CA TYR A 122 1.52 -31.60 8.59
C TYR A 122 1.17 -31.57 7.11
N ILE A 123 -0.03 -31.10 6.80
CA ILE A 123 -0.30 -30.59 5.46
C ILE A 123 0.58 -29.33 5.36
N VAL A 124 1.42 -29.25 4.33
CA VAL A 124 2.36 -28.12 4.12
C VAL A 124 2.00 -27.45 2.78
N ALA A 125 1.58 -26.20 2.88
CA ALA A 125 1.03 -25.50 1.74
C ALA A 125 1.58 -24.07 1.64
N ILE A 126 1.60 -23.55 0.43
CA ILE A 126 1.83 -22.13 0.22
C ILE A 126 0.50 -21.48 -0.13
N LEU A 127 0.29 -20.29 0.44
CA LEU A 127 -0.77 -19.40 0.00
C LEU A 127 -0.13 -18.07 -0.42
N SER A 128 -0.24 -17.75 -1.71
CA SER A 128 0.54 -16.65 -2.28
C SER A 128 -0.26 -15.76 -3.24
N ASN A 129 0.07 -14.45 -3.22
CA ASN A 129 -0.36 -13.51 -4.26
C ASN A 129 0.17 -13.87 -5.65
N GLY A 130 1.32 -14.57 -5.69
CA GLY A 130 1.98 -14.92 -6.95
C GLY A 130 1.09 -15.78 -7.85
N ASN A 131 1.02 -15.45 -9.15
CA ASN A 131 0.32 -16.33 -10.08
C ASN A 131 1.16 -17.62 -10.27
N ASP A 132 0.53 -18.68 -10.79
CA ASP A 132 1.15 -20.01 -10.88
C ASP A 132 2.45 -20.01 -11.65
N GLU A 133 2.48 -19.32 -12.78
CA GLU A 133 3.66 -19.31 -13.62
C GLU A 133 4.90 -18.79 -12.89
N MET A 134 4.78 -17.65 -12.23
CA MET A 134 5.96 -17.07 -11.59
C MET A 134 6.28 -17.86 -10.34
N LEU A 135 5.25 -18.30 -9.63
CA LEU A 135 5.44 -19.01 -8.39
C LEU A 135 6.08 -20.37 -8.64
N GLN A 136 5.56 -21.09 -9.61
CA GLN A 136 6.10 -22.41 -9.89
C GLN A 136 7.55 -22.35 -10.41
N ALA A 137 7.85 -21.33 -11.21
CA ALA A 137 9.22 -21.09 -11.69
C ALA A 137 10.16 -20.92 -10.47
N ALA A 138 9.81 -20.03 -9.54
CA ALA A 138 10.63 -19.80 -8.33
C ALA A 138 10.76 -21.00 -7.42
N LEU A 139 9.65 -21.71 -7.21
CA LEU A 139 9.63 -22.89 -6.33
C LEU A 139 10.41 -24.08 -6.96
N LYS A 140 10.36 -24.20 -8.28
CA LYS A 140 11.15 -25.23 -8.96
C LYS A 140 12.66 -24.94 -8.85
N ALA A 141 13.09 -23.72 -9.21
CA ALA A 141 14.49 -23.34 -9.13
C ALA A 141 15.05 -23.51 -7.71
N SER A 142 14.25 -23.22 -6.68
CA SER A 142 14.75 -23.30 -5.31
C SER A 142 14.49 -24.66 -4.64
N LYS A 143 13.92 -25.60 -5.41
CA LYS A 143 13.63 -26.98 -4.95
C LYS A 143 12.52 -27.06 -3.89
N LEU A 144 11.77 -25.96 -3.70
CA LEU A 144 10.73 -25.94 -2.68
C LEU A 144 9.44 -26.63 -3.13
N ASP A 145 9.28 -26.83 -4.43
CA ASP A 145 8.07 -27.48 -4.95
C ASP A 145 7.90 -28.95 -4.56
N ARG A 146 9.00 -29.66 -4.34
CA ARG A 146 8.94 -31.07 -4.00
C ARG A 146 8.56 -31.34 -2.55
N VAL A 147 8.62 -30.31 -1.75
CA VAL A 147 8.31 -30.46 -0.35
C VAL A 147 7.00 -29.72 0.05
N LEU A 148 6.08 -29.58 -0.92
CA LEU A 148 4.77 -28.95 -0.70
C LEU A 148 3.65 -29.91 -1.02
N ASP A 149 2.63 -29.97 -0.16
CA ASP A 149 1.38 -30.66 -0.49
C ASP A 149 0.52 -29.86 -1.48
N SER A 150 0.56 -28.54 -1.35
CA SER A 150 -0.31 -27.69 -2.13
C SER A 150 0.29 -26.31 -2.33
N CYS A 151 0.05 -25.71 -3.49
CA CYS A 151 0.47 -24.35 -3.68
C CYS A 151 -0.74 -23.56 -4.24
N LEU A 152 -1.26 -22.65 -3.42
CA LEU A 152 -2.51 -21.94 -3.72
C LEU A 152 -2.30 -20.48 -4.14
N SER A 153 -2.88 -20.11 -5.27
CA SER A 153 -2.58 -18.78 -5.86
C SER A 153 -3.79 -17.85 -5.82
N ALA A 154 -3.55 -16.60 -5.38
CA ALA A 154 -4.54 -15.51 -5.49
C ALA A 154 -5.08 -15.35 -6.89
N ASP A 155 -4.29 -15.73 -7.89
CA ASP A 155 -4.73 -15.71 -9.28
C ASP A 155 -5.87 -16.68 -9.61
N ASP A 156 -6.14 -17.68 -8.76
CA ASP A 156 -7.34 -18.51 -8.98
C ASP A 156 -8.61 -17.72 -8.66
N LEU A 157 -8.50 -16.75 -7.75
CA LEU A 157 -9.63 -15.94 -7.28
C LEU A 157 -9.75 -14.58 -7.96
N LYS A 158 -8.64 -14.10 -8.53
CA LYS A 158 -8.49 -12.70 -9.00
C LYS A 158 -8.78 -11.66 -7.89
N ILE A 159 -8.29 -11.96 -6.70
CA ILE A 159 -8.50 -11.17 -5.49
C ILE A 159 -7.19 -11.33 -4.70
N TYR A 160 -6.57 -10.24 -4.24
CA TYR A 160 -5.33 -10.32 -3.46
C TYR A 160 -5.53 -10.34 -1.94
N LYS A 161 -4.52 -10.84 -1.23
CA LYS A 161 -4.41 -10.59 0.24
C LYS A 161 -4.43 -9.08 0.53
N PRO A 162 -4.95 -8.65 1.70
CA PRO A 162 -5.52 -9.48 2.78
C PRO A 162 -7.05 -9.66 2.76
N ASP A 163 -7.67 -9.61 1.59
CA ASP A 163 -9.12 -9.91 1.51
C ASP A 163 -9.38 -11.29 2.16
N PRO A 164 -10.39 -11.40 3.11
CA PRO A 164 -10.53 -12.72 3.80
C PRO A 164 -10.84 -13.89 2.85
N ARG A 165 -11.32 -13.62 1.64
CA ARG A 165 -11.67 -14.71 0.74
C ARG A 165 -10.44 -15.52 0.32
N ILE A 166 -9.25 -14.91 0.34
CA ILE A 166 -8.02 -15.66 0.00
C ILE A 166 -7.67 -16.69 1.10
N TYR A 167 -7.81 -16.30 2.36
CA TYR A 167 -7.61 -17.22 3.48
C TYR A 167 -8.70 -18.29 3.54
N GLN A 168 -9.94 -17.89 3.21
CA GLN A 168 -11.04 -18.85 3.11
C GLN A 168 -10.78 -19.91 2.02
N PHE A 169 -10.25 -19.48 0.87
CA PHE A 169 -9.80 -20.38 -0.23
C PHE A 169 -8.86 -21.50 0.29
N ALA A 170 -7.85 -21.11 1.09
CA ALA A 170 -6.91 -22.06 1.68
C ALA A 170 -7.68 -23.09 2.53
N CYS A 171 -8.52 -22.62 3.47
CA CYS A 171 -9.38 -23.51 4.28
C CYS A 171 -10.17 -24.49 3.42
N ASP A 172 -10.82 -23.98 2.38
CA ASP A 172 -11.68 -24.79 1.53
C ASP A 172 -10.86 -25.81 0.76
N ARG A 173 -9.75 -25.37 0.17
CA ARG A 173 -8.86 -26.30 -0.59
C ARG A 173 -8.21 -27.38 0.28
N LEU A 174 -7.84 -27.02 1.50
CA LEU A 174 -7.08 -27.94 2.36
C LEU A 174 -8.00 -28.76 3.25
N GLY A 175 -9.28 -28.40 3.28
CA GLY A 175 -10.27 -29.12 4.06
C GLY A 175 -10.04 -28.94 5.54
N VAL A 176 -9.64 -27.73 5.96
CA VAL A 176 -9.33 -27.47 7.37
C VAL A 176 -10.18 -26.29 7.86
N ASN A 177 -10.38 -26.19 9.17
CA ASN A 177 -10.95 -24.99 9.76
C ASN A 177 -9.83 -24.00 10.05
N PRO A 178 -10.14 -22.68 10.17
CA PRO A 178 -9.11 -21.68 10.47
C PRO A 178 -8.22 -22.02 11.69
N ASN A 179 -8.82 -22.48 12.79
CA ASN A 179 -8.04 -22.75 14.00
C ASN A 179 -7.15 -24.02 13.91
N GLU A 180 -7.28 -24.77 12.80
CA GLU A 180 -6.39 -25.91 12.50
C GLU A 180 -5.19 -25.51 11.59
N VAL A 181 -5.06 -24.21 11.30
CA VAL A 181 -4.00 -23.71 10.42
C VAL A 181 -3.00 -22.92 11.26
N CYS A 182 -1.72 -23.26 11.12
CA CYS A 182 -0.62 -22.42 11.53
C CYS A 182 -0.16 -21.67 10.25
N PHE A 183 -0.37 -20.36 10.26
CA PHE A 183 -0.07 -19.50 9.11
C PHE A 183 1.24 -18.74 9.35
N VAL A 184 2.19 -18.97 8.47
CA VAL A 184 3.53 -18.45 8.68
C VAL A 184 3.89 -17.38 7.64
N SER A 185 4.27 -16.19 8.10
CA SER A 185 4.58 -15.11 7.16
C SER A 185 5.56 -14.12 7.77
N SER A 186 6.39 -13.50 6.92
CA SER A 186 7.20 -12.34 7.34
C SER A 186 6.53 -10.98 7.09
N ASN A 187 5.37 -10.99 6.43
CA ASN A 187 4.67 -9.75 6.00
C ASN A 187 3.58 -9.45 7.01
N ALA A 188 3.72 -8.33 7.71
CA ALA A 188 2.87 -7.99 8.85
C ALA A 188 1.42 -7.81 8.43
N TRP A 189 1.21 -7.17 7.26
CA TRP A 189 -0.13 -7.07 6.63
C TRP A 189 -0.82 -8.44 6.38
N ASP A 190 -0.04 -9.42 5.95
CA ASP A 190 -0.52 -10.74 5.65
C ASP A 190 -0.85 -11.44 6.99
N LEU A 191 0.02 -11.28 7.98
CA LEU A 191 -0.24 -11.83 9.32
C LEU A 191 -1.49 -11.16 9.93
N GLY A 192 -1.64 -9.85 9.70
CA GLY A 192 -2.82 -9.08 10.08
C GLY A 192 -4.09 -9.66 9.49
N GLY A 193 -4.11 -9.83 8.16
CA GLY A 193 -5.27 -10.45 7.49
C GLY A 193 -5.55 -11.92 7.87
N ALA A 194 -4.51 -12.73 8.02
CA ALA A 194 -4.68 -14.15 8.36
C ALA A 194 -5.17 -14.29 9.80
N GLY A 195 -4.64 -13.44 10.70
CA GLY A 195 -5.01 -13.46 12.11
C GLY A 195 -6.43 -13.01 12.37
N LYS A 196 -6.82 -11.90 11.73
CA LYS A 196 -8.20 -11.37 11.72
C LYS A 196 -9.15 -12.48 11.21
N PHE A 197 -8.79 -13.13 10.11
CA PHE A 197 -9.53 -14.26 9.55
C PHE A 197 -9.67 -15.47 10.52
N GLY A 198 -8.62 -15.75 11.29
CA GLY A 198 -8.72 -16.72 12.37
C GLY A 198 -7.65 -17.79 12.32
N PHE A 199 -6.70 -17.67 11.40
CA PHE A 199 -5.54 -18.57 11.43
C PHE A 199 -4.72 -18.29 12.69
N ASN A 200 -4.06 -19.32 13.20
CA ASN A 200 -3.01 -19.12 14.18
C ASN A 200 -1.77 -18.64 13.45
N THR A 201 -1.28 -17.45 13.80
CA THR A 201 -0.23 -16.83 13.02
C THR A 201 1.12 -16.86 13.73
N VAL A 202 2.17 -17.14 12.97
CA VAL A 202 3.54 -17.05 13.48
C VAL A 202 4.30 -16.10 12.56
N ARG A 203 4.88 -15.06 13.14
CA ARG A 203 5.77 -14.20 12.37
C ARG A 203 7.23 -14.72 12.32
N ILE A 204 7.80 -14.78 11.10
CA ILE A 204 9.26 -14.85 10.92
C ILE A 204 9.75 -13.39 10.88
N ASN A 205 10.27 -12.90 11.99
CA ASN A 205 10.74 -11.52 12.05
C ASN A 205 12.27 -11.53 12.03
N ARG A 206 12.88 -11.48 10.85
CA ARG A 206 14.33 -11.66 10.72
C ARG A 206 15.16 -10.52 11.30
N GLN A 207 14.66 -9.30 11.20
CA GLN A 207 15.46 -8.15 11.57
C GLN A 207 14.97 -7.42 12.81
N GLY A 208 14.08 -8.05 13.57
CA GLY A 208 13.44 -7.39 14.74
C GLY A 208 12.69 -6.10 14.40
N ASN A 209 11.88 -6.15 13.34
CA ASN A 209 11.02 -5.03 12.96
C ASN A 209 9.92 -4.79 14.01
N PRO A 210 9.49 -3.53 14.16
CA PRO A 210 8.45 -3.24 15.15
C PRO A 210 7.11 -3.93 14.82
N PRO A 211 6.23 -4.09 15.85
CA PRO A 211 4.92 -4.73 15.60
C PRO A 211 3.97 -3.80 14.80
N GLU A 212 3.04 -4.42 14.09
CA GLU A 212 2.01 -3.70 13.35
C GLU A 212 0.76 -4.53 13.44
N TYR A 213 -0.38 -3.95 13.04
CA TYR A 213 -1.67 -4.70 12.96
C TYR A 213 -2.00 -5.42 14.26
N GLU A 214 -1.91 -4.71 15.38
CA GLU A 214 -1.94 -5.34 16.71
C GLU A 214 -3.30 -5.89 17.15
N PHE A 215 -4.35 -5.48 16.42
CA PHE A 215 -5.68 -6.02 16.58
C PHE A 215 -5.78 -7.50 16.21
N ALA A 216 -4.76 -8.03 15.52
CA ALA A 216 -4.67 -9.45 15.17
C ALA A 216 -3.36 -9.99 15.75
N PRO A 217 -3.33 -10.25 17.09
CA PRO A 217 -2.07 -10.66 17.70
C PRO A 217 -1.53 -11.97 17.11
N LEU A 218 -0.21 -12.10 17.16
CA LEU A 218 0.47 -13.33 16.78
C LEU A 218 0.30 -14.43 17.85
N LYS A 219 0.30 -15.68 17.39
CA LYS A 219 0.48 -16.80 18.30
C LYS A 219 1.96 -16.86 18.74
N HIS A 220 2.89 -16.77 17.79
CA HIS A 220 4.34 -16.77 18.08
C HIS A 220 5.11 -15.87 17.13
N GLN A 221 6.35 -15.54 17.52
CA GLN A 221 7.30 -14.86 16.66
C GLN A 221 8.66 -15.53 16.79
N VAL A 222 9.28 -15.83 15.65
CA VAL A 222 10.64 -16.34 15.62
C VAL A 222 11.46 -15.51 14.64
N ASN A 223 12.78 -15.75 14.60
CA ASN A 223 13.62 -14.93 13.75
C ASN A 223 14.17 -15.65 12.56
N SER A 224 13.79 -16.91 12.40
CA SER A 224 14.18 -17.66 11.22
C SER A 224 13.27 -18.85 11.02
N LEU A 225 13.19 -19.34 9.79
CA LEU A 225 12.40 -20.53 9.50
C LEU A 225 12.81 -21.73 10.34
N SER A 226 14.11 -21.87 10.62
CA SER A 226 14.60 -23.04 11.35
C SER A 226 14.10 -23.06 12.80
N GLU A 227 13.71 -21.90 13.33
CA GLU A 227 13.11 -21.85 14.67
C GLU A 227 11.67 -22.31 14.70
N LEU A 228 11.07 -22.52 13.51
CA LEU A 228 9.75 -23.11 13.44
C LEU A 228 9.74 -24.56 13.88
N TRP A 229 10.82 -25.28 13.62
CA TRP A 229 10.85 -26.72 13.93
C TRP A 229 10.73 -27.08 15.44
N PRO A 230 11.56 -26.46 16.33
CA PRO A 230 11.30 -26.65 17.78
C PRO A 230 9.86 -26.32 18.16
N LEU A 231 9.41 -25.14 17.74
CA LEU A 231 8.04 -24.67 17.95
C LEU A 231 6.98 -25.68 17.48
N LEU A 232 7.08 -26.15 16.24
CA LEU A 232 6.05 -27.02 15.65
C LEU A 232 6.27 -28.54 15.73
N ALA A 233 7.44 -28.98 16.23
CA ALA A 233 7.72 -30.41 16.46
C ALA A 233 6.52 -31.06 17.15
N LYS A 234 5.94 -32.09 16.51
CA LYS A 234 4.55 -32.51 16.78
C LYS A 234 4.30 -33.23 18.14
N LEU B 10 -11.23 17.92 -22.21
CA LEU B 10 -12.13 18.23 -21.06
C LEU B 10 -13.03 19.47 -21.36
N VAL B 11 -14.25 19.18 -21.81
CA VAL B 11 -15.27 20.20 -22.12
C VAL B 11 -16.12 20.48 -20.86
N ASP B 12 -16.40 21.75 -20.57
CA ASP B 12 -17.11 22.15 -19.33
C ASP B 12 -18.66 22.06 -19.39
N SER B 13 -19.15 20.82 -19.19
CA SER B 13 -20.47 20.51 -18.64
C SER B 13 -20.23 20.05 -17.19
N LEU B 14 -19.10 20.48 -16.66
CA LEU B 14 -18.67 20.12 -15.33
C LEU B 14 -19.40 20.97 -14.31
N ARG B 15 -19.83 20.35 -13.23
CA ARG B 15 -20.51 21.10 -12.18
C ARG B 15 -19.63 21.20 -10.93
N ALA B 16 -18.72 20.24 -10.72
CA ALA B 16 -17.96 20.20 -9.48
C ALA B 16 -16.49 19.90 -9.71
N CYS B 17 -15.63 20.57 -8.93
CA CYS B 17 -14.21 20.28 -8.83
C CYS B 17 -14.02 19.67 -7.48
N VAL B 18 -13.64 18.39 -7.48
CA VAL B 18 -13.48 17.64 -6.26
C VAL B 18 -11.99 17.33 -6.09
N PHE B 19 -11.47 17.74 -4.93
CA PHE B 19 -10.08 17.72 -4.60
C PHE B 19 -9.69 16.67 -3.55
N ASP B 20 -8.64 15.93 -3.84
CA ASP B 20 -7.87 15.23 -2.82
C ASP B 20 -7.25 16.25 -1.86
N ALA B 21 -7.09 15.88 -0.58
CA ALA B 21 -6.45 16.79 0.37
C ALA B 21 -4.95 16.52 0.57
N TYR B 22 -4.62 15.35 1.15
CA TYR B 22 -3.26 15.06 1.62
C TYR B 22 -2.37 14.69 0.44
N GLY B 23 -1.51 15.61 0.06
CA GLY B 23 -0.63 15.42 -1.12
C GLY B 23 -0.97 16.34 -2.29
N THR B 24 -2.20 16.86 -2.29
CA THR B 24 -2.71 17.69 -3.39
C THR B 24 -2.87 19.14 -2.96
N LEU B 25 -3.70 19.36 -1.94
CA LEU B 25 -3.89 20.71 -1.38
C LEU B 25 -2.96 20.94 -0.21
N LEU B 26 -2.66 19.88 0.54
CA LEU B 26 -1.84 19.90 1.75
C LEU B 26 -0.55 19.14 1.50
N ASP B 27 0.55 19.71 1.96
CA ASP B 27 1.89 19.18 1.67
C ASP B 27 2.31 18.14 2.73
N VAL B 28 2.16 16.85 2.43
CA VAL B 28 2.43 15.81 3.46
C VAL B 28 3.91 15.87 4.00
N HIS B 29 4.84 16.36 3.17
CA HIS B 29 6.27 16.55 3.53
C HIS B 29 6.58 17.58 4.63
N SER B 30 5.73 18.57 4.81
CA SER B 30 5.95 19.64 5.78
C SER B 30 5.97 19.18 7.25
N ALA B 31 5.27 18.08 7.59
CA ALA B 31 5.22 17.66 9.00
C ALA B 31 6.64 17.31 9.48
N VAL B 32 7.36 16.49 8.69
CA VAL B 32 8.79 16.20 9.03
C VAL B 32 9.72 17.37 8.67
N MET B 33 9.54 18.02 7.53
CA MET B 33 10.48 19.06 7.05
C MET B 33 10.66 20.17 8.08
N ARG B 34 9.55 20.60 8.69
CA ARG B 34 9.59 21.62 9.70
C ARG B 34 10.25 21.18 11.03
N ASN B 35 10.45 19.88 11.21
CA ASN B 35 11.00 19.33 12.44
C ASN B 35 12.22 18.46 12.13
N ALA B 36 12.83 18.69 10.98
CA ALA B 36 13.92 17.87 10.47
C ALA B 36 15.13 17.88 11.42
N ASP B 37 15.47 19.05 11.98
CA ASP B 37 16.59 19.17 12.95
C ASP B 37 16.39 18.31 14.21
N GLU B 38 15.17 18.29 14.71
CA GLU B 38 14.79 17.48 15.83
C GLU B 38 14.86 15.98 15.49
N VAL B 39 14.55 15.60 14.25
CA VAL B 39 14.58 14.18 13.88
C VAL B 39 16.02 13.71 13.64
N GLY B 40 16.85 14.56 13.02
CA GLY B 40 18.20 14.16 12.65
C GLY B 40 18.21 13.65 11.23
N ALA B 41 19.32 13.04 10.84
CA ALA B 41 19.60 12.76 9.43
C ALA B 41 18.67 11.70 8.74
N SER B 42 17.85 11.03 9.53
CA SER B 42 16.83 10.08 9.03
C SER B 42 15.53 10.73 8.58
N ALA B 43 15.44 12.04 8.72
CA ALA B 43 14.20 12.79 8.57
C ALA B 43 13.52 12.42 7.27
N GLU B 44 14.22 12.52 6.14
CA GLU B 44 13.57 12.20 4.85
C GLU B 44 13.11 10.71 4.73
N ALA B 45 13.97 9.75 5.13
CA ALA B 45 13.61 8.36 5.08
C ALA B 45 12.43 8.06 6.06
N LEU B 46 12.46 8.69 7.23
CA LEU B 46 11.35 8.63 8.20
C LEU B 46 10.05 9.15 7.59
N SER B 47 10.11 10.34 7.00
CA SER B 47 8.97 10.95 6.32
C SER B 47 8.37 10.02 5.25
N MET B 48 9.21 9.42 4.41
CA MET B 48 8.74 8.49 3.38
C MET B 48 8.08 7.23 3.96
N LEU B 49 8.66 6.66 5.01
CA LEU B 49 8.06 5.47 5.64
C LEU B 49 6.74 5.79 6.34
N TRP B 50 6.68 6.91 7.05
CA TRP B 50 5.44 7.34 7.68
C TRP B 50 4.30 7.38 6.63
N ARG B 51 4.55 8.09 5.54
CA ARG B 51 3.58 8.24 4.48
C ARG B 51 3.17 6.89 3.85
N GLN B 52 4.15 6.06 3.53
CA GLN B 52 3.92 4.75 2.91
C GLN B 52 3.05 3.85 3.80
N ARG B 53 3.38 3.81 5.10
CA ARG B 53 2.64 2.94 6.02
C ARG B 53 1.23 3.48 6.29
N GLN B 54 1.09 4.81 6.36
CA GLN B 54 -0.23 5.43 6.56
C GLN B 54 -1.18 4.95 5.47
N LEU B 55 -0.70 5.00 4.23
CA LEU B 55 -1.44 4.60 3.07
C LEU B 55 -1.61 3.12 3.05
N GLU B 56 -0.52 2.35 3.27
CA GLU B 56 -0.66 0.90 3.40
C GLU B 56 -1.81 0.52 4.36
N TYR B 57 -1.80 1.09 5.57
CA TYR B 57 -2.82 0.80 6.58
C TYR B 57 -4.21 1.09 6.09
N SER B 58 -4.38 2.17 5.33
CA SER B 58 -5.69 2.50 4.81
C SER B 58 -6.18 1.45 3.79
N TRP B 59 -5.29 0.95 2.92
CA TRP B 59 -5.68 -0.05 1.93
C TRP B 59 -5.92 -1.43 2.57
N THR B 60 -4.98 -1.91 3.40
CA THR B 60 -5.08 -3.27 3.88
C THR B 60 -6.24 -3.42 4.91
N ARG B 61 -6.45 -2.42 5.74
CA ARG B 61 -7.54 -2.43 6.72
C ARG B 61 -8.91 -2.43 6.06
N THR B 62 -9.06 -1.71 4.96
CA THR B 62 -10.33 -1.88 4.24
C THR B 62 -10.50 -3.25 3.60
N LEU B 63 -9.41 -3.79 3.05
CA LEU B 63 -9.44 -5.13 2.43
C LEU B 63 -9.74 -6.22 3.44
N MET B 64 -9.21 -6.10 4.66
CA MET B 64 -9.48 -7.12 5.68
C MET B 64 -10.64 -6.72 6.63
N HIS B 65 -11.32 -5.62 6.34
CA HIS B 65 -12.53 -5.23 7.12
C HIS B 65 -12.22 -4.85 8.57
N GLN B 66 -11.12 -4.13 8.77
CA GLN B 66 -10.78 -3.64 10.10
C GLN B 66 -10.54 -2.11 10.01
N TYR B 67 -11.56 -1.37 9.60
CA TYR B 67 -11.49 0.09 9.61
C TYR B 67 -11.07 0.71 10.93
N ALA B 68 -10.21 1.71 10.84
CA ALA B 68 -10.00 2.67 11.92
C ALA B 68 -9.75 3.97 11.18
N ASP B 69 -9.95 5.08 11.86
CA ASP B 69 -9.90 6.37 11.19
C ASP B 69 -8.50 6.88 10.85
N PHE B 70 -8.43 7.91 10.02
CA PHE B 70 -7.17 8.23 9.36
C PHE B 70 -6.18 8.78 10.33
N TRP B 71 -6.67 9.54 11.32
CA TRP B 71 -5.80 10.00 12.42
C TRP B 71 -5.14 8.84 13.19
N GLN B 72 -5.92 7.82 13.49
CA GLN B 72 -5.37 6.65 14.19
C GLN B 72 -4.31 5.98 13.31
N LEU B 73 -4.60 5.82 12.04
CA LEU B 73 -3.61 5.22 11.14
C LEU B 73 -2.33 6.05 10.98
N THR B 74 -2.50 7.37 10.95
CA THR B 74 -1.39 8.32 10.88
C THR B 74 -0.48 8.15 12.12
N ASP B 75 -1.10 8.05 13.29
CA ASP B 75 -0.44 7.83 14.56
C ASP B 75 0.32 6.48 14.57
N GLU B 76 -0.37 5.40 14.21
CA GLU B 76 0.23 4.07 14.16
C GLU B 76 1.42 4.01 13.18
N ALA B 77 1.26 4.62 12.01
CA ALA B 77 2.32 4.70 10.99
C ALA B 77 3.53 5.49 11.48
N LEU B 78 3.30 6.58 12.22
CA LEU B 78 4.40 7.38 12.73
C LEU B 78 5.14 6.61 13.82
N THR B 79 4.39 6.00 14.73
CA THR B 79 4.98 5.20 15.81
C THR B 79 5.85 4.10 15.23
N PHE B 80 5.33 3.40 14.21
CA PHE B 80 6.08 2.39 13.50
C PHE B 80 7.37 2.94 12.86
N ALA B 81 7.27 4.10 12.20
CA ALA B 81 8.41 4.72 11.51
C ALA B 81 9.46 5.18 12.51
N LEU B 82 9.03 5.77 13.64
CA LEU B 82 9.94 6.20 14.69
C LEU B 82 10.71 5.03 15.31
N ARG B 83 10.01 3.94 15.62
CA ARG B 83 10.66 2.71 16.14
C ARG B 83 11.63 2.07 15.09
N THR B 84 11.22 2.09 13.82
CA THR B 84 12.05 1.51 12.75
C THR B 84 13.41 2.21 12.73
N TYR B 85 13.38 3.54 12.89
CA TYR B 85 14.60 4.36 12.86
C TYR B 85 15.34 4.45 14.20
N HIS B 86 14.78 3.73 15.19
CA HIS B 86 15.30 3.63 16.58
C HIS B 86 15.59 5.04 17.13
N LEU B 87 14.63 5.95 16.99
CA LEU B 87 14.94 7.35 17.30
C LEU B 87 14.96 7.61 18.81
N GLU B 88 15.87 8.47 19.26
CA GLU B 88 15.80 8.99 20.62
C GLU B 88 14.56 9.91 20.80
N ASP B 89 13.95 9.85 21.99
CA ASP B 89 12.84 10.71 22.39
C ASP B 89 11.66 10.58 21.43
N ARG B 90 11.23 9.33 21.22
CA ARG B 90 10.09 9.07 20.33
C ARG B 90 8.80 9.70 20.86
N LYS B 91 8.65 9.76 22.19
CA LYS B 91 7.51 10.39 22.84
C LYS B 91 7.37 11.85 22.43
N GLY B 92 8.43 12.65 22.65
CA GLY B 92 8.45 14.09 22.31
C GLY B 92 8.31 14.37 20.81
N LEU B 93 9.06 13.60 20.03
CA LEU B 93 9.01 13.64 18.58
C LEU B 93 7.62 13.30 18.03
N LYS B 94 7.01 12.24 18.55
CA LYS B 94 5.65 11.85 18.14
C LYS B 94 4.63 12.99 18.34
N ASP B 95 4.63 13.59 19.52
CA ASP B 95 3.76 14.73 19.82
C ASP B 95 3.97 15.87 18.84
N ARG B 96 5.25 16.26 18.64
CA ARG B 96 5.62 17.33 17.71
C ARG B 96 5.19 17.04 16.27
N LEU B 97 5.42 15.82 15.82
CA LEU B 97 5.13 15.44 14.42
C LEU B 97 3.61 15.31 14.14
N MET B 98 2.88 14.75 15.10
CA MET B 98 1.40 14.71 15.03
C MET B 98 0.77 16.11 15.08
N SER B 99 1.30 17.02 15.91
CA SER B 99 0.80 18.40 15.93
C SER B 99 1.06 19.10 14.62
N ALA B 100 2.22 18.84 14.03
CA ALA B 100 2.54 19.41 12.73
C ALA B 100 1.61 18.88 11.65
N TYR B 101 1.25 17.60 11.74
CA TYR B 101 0.39 16.98 10.76
C TYR B 101 -1.02 17.57 10.86
N LYS B 102 -1.43 17.88 12.09
CA LYS B 102 -2.78 18.38 12.34
C LYS B 102 -2.94 19.71 11.64
N GLU B 103 -1.84 20.43 11.46
CA GLU B 103 -1.84 21.68 10.71
C GLU B 103 -0.82 21.74 9.56
N LEU B 104 -0.92 20.74 8.68
CA LEU B 104 -0.09 20.66 7.46
C LEU B 104 -0.23 21.91 6.60
N SER B 105 0.90 22.41 6.11
CA SER B 105 0.98 23.50 5.14
C SER B 105 0.21 23.18 3.87
N ALA B 106 -0.51 24.18 3.39
CA ALA B 106 -1.10 24.17 2.05
C ALA B 106 0.02 24.43 1.04
N TYR B 107 -0.09 23.79 -0.13
CA TYR B 107 0.71 24.19 -1.27
C TYR B 107 0.42 25.65 -1.61
N PRO B 108 1.43 26.37 -2.14
CA PRO B 108 1.34 27.84 -2.23
C PRO B 108 0.17 28.37 -3.11
N ASP B 109 -0.19 27.64 -4.17
CA ASP B 109 -1.23 28.08 -5.10
C ASP B 109 -2.64 27.56 -4.72
N ALA B 110 -2.74 26.78 -3.64
CA ALA B 110 -4.01 26.12 -3.30
C ALA B 110 -5.18 27.12 -3.03
N ALA B 111 -4.99 28.06 -2.11
CA ALA B 111 -6.09 28.95 -1.68
C ALA B 111 -6.59 29.81 -2.85
N GLU B 112 -5.63 30.39 -3.58
CA GLU B 112 -5.96 31.24 -4.69
C GLU B 112 -6.67 30.47 -5.81
N THR B 113 -6.18 29.28 -6.16
CA THR B 113 -6.86 28.54 -7.22
C THR B 113 -8.27 28.05 -6.85
N LEU B 114 -8.46 27.58 -5.63
CA LEU B 114 -9.81 27.24 -5.19
C LEU B 114 -10.77 28.47 -5.21
N GLU B 115 -10.28 29.66 -4.79
CA GLU B 115 -11.08 30.87 -4.93
C GLU B 115 -11.45 31.20 -6.39
N LYS B 116 -10.52 31.07 -7.31
CA LYS B 116 -10.83 31.32 -8.75
C LYS B 116 -11.91 30.36 -9.24
N LEU B 117 -11.77 29.07 -8.88
CA LEU B 117 -12.76 28.06 -9.26
C LEU B 117 -14.12 28.33 -8.64
N LYS B 118 -14.13 28.75 -7.38
CA LYS B 118 -15.41 29.07 -6.72
C LYS B 118 -16.07 30.30 -7.39
N SER B 119 -15.24 31.25 -7.86
CA SER B 119 -15.69 32.45 -8.59
C SER B 119 -16.26 32.10 -9.96
N ALA B 120 -15.74 31.04 -10.59
CA ALA B 120 -16.29 30.58 -11.85
C ALA B 120 -17.62 29.81 -11.69
N GLY B 121 -18.14 29.73 -10.47
CA GLY B 121 -19.39 29.01 -10.20
C GLY B 121 -19.38 27.48 -10.08
N TYR B 122 -18.20 26.86 -9.94
CA TYR B 122 -18.12 25.43 -9.63
C TYR B 122 -18.49 25.13 -8.19
N ILE B 123 -19.03 23.94 -7.96
CA ILE B 123 -19.00 23.37 -6.62
C ILE B 123 -17.53 22.98 -6.40
N VAL B 124 -16.96 23.44 -5.29
CA VAL B 124 -15.60 23.15 -4.93
C VAL B 124 -15.65 22.34 -3.64
N ALA B 125 -15.23 21.09 -3.72
CA ALA B 125 -15.33 20.18 -2.57
C ALA B 125 -14.01 19.41 -2.37
N ILE B 126 -13.77 18.98 -1.15
CA ILE B 126 -12.69 18.01 -0.86
C ILE B 126 -13.34 16.61 -0.68
N LEU B 127 -12.67 15.58 -1.21
CA LEU B 127 -13.00 14.18 -0.88
C LEU B 127 -11.70 13.53 -0.37
N SER B 128 -11.68 13.17 0.90
CA SER B 128 -10.44 12.80 1.59
C SER B 128 -10.60 11.54 2.44
N ASN B 129 -9.53 10.75 2.52
CA ASN B 129 -9.43 9.72 3.58
C ASN B 129 -9.44 10.27 5.01
N GLY B 130 -9.03 11.54 5.17
CA GLY B 130 -8.84 12.12 6.48
C GLY B 130 -10.22 12.27 7.15
N ASN B 131 -10.29 11.94 8.43
CA ASN B 131 -11.49 12.16 9.25
C ASN B 131 -11.66 13.66 9.54
N ASP B 132 -12.87 14.08 9.88
CA ASP B 132 -13.16 15.51 9.98
C ASP B 132 -12.24 16.26 10.92
N GLU B 133 -11.99 15.70 12.09
CA GLU B 133 -11.19 16.43 13.08
C GLU B 133 -9.78 16.83 12.59
N MET B 134 -9.01 15.87 12.07
CA MET B 134 -7.69 16.19 11.55
C MET B 134 -7.75 17.11 10.30
N LEU B 135 -8.70 16.88 9.43
CA LEU B 135 -8.77 17.60 8.16
C LEU B 135 -9.23 19.04 8.38
N GLN B 136 -10.26 19.22 9.21
CA GLN B 136 -10.76 20.55 9.56
C GLN B 136 -9.70 21.45 10.20
N ALA B 137 -8.94 20.89 11.14
CA ALA B 137 -7.81 21.60 11.72
C ALA B 137 -6.82 22.12 10.64
N ALA B 138 -6.43 21.23 9.72
CA ALA B 138 -5.49 21.60 8.63
C ALA B 138 -6.10 22.65 7.71
N LEU B 139 -7.38 22.47 7.38
CA LEU B 139 -8.09 23.41 6.52
C LEU B 139 -8.23 24.79 7.17
N LYS B 140 -8.55 24.80 8.47
CA LYS B 140 -8.65 26.08 9.17
C LYS B 140 -7.30 26.80 9.25
N ALA B 141 -6.26 26.07 9.68
CA ALA B 141 -4.92 26.63 9.83
C ALA B 141 -4.41 27.26 8.55
N SER B 142 -4.83 26.72 7.41
CA SER B 142 -4.35 27.22 6.11
C SER B 142 -5.35 28.13 5.39
N LYS B 143 -6.43 28.50 6.09
CA LYS B 143 -7.54 29.33 5.56
C LYS B 143 -8.22 28.79 4.29
N LEU B 144 -8.18 27.46 4.12
CA LEU B 144 -8.78 26.81 2.96
C LEU B 144 -10.27 26.63 3.15
N ASP B 145 -10.70 26.72 4.41
CA ASP B 145 -12.10 26.72 4.84
C ASP B 145 -13.03 27.60 3.99
N ARG B 146 -12.61 28.84 3.76
CA ARG B 146 -13.47 29.81 3.11
C ARG B 146 -13.59 29.63 1.60
N VAL B 147 -12.77 28.77 1.04
CA VAL B 147 -12.76 28.57 -0.40
C VAL B 147 -13.39 27.23 -0.79
N LEU B 148 -14.16 26.64 0.14
CA LEU B 148 -14.77 25.30 -0.05
C LEU B 148 -16.29 25.25 0.17
N ASP B 149 -16.99 24.55 -0.71
CA ASP B 149 -18.41 24.30 -0.53
C ASP B 149 -18.68 23.13 0.40
N SER B 150 -17.81 22.14 0.37
CA SER B 150 -18.08 20.88 1.04
C SER B 150 -16.77 20.10 1.27
N CYS B 151 -16.75 19.36 2.35
CA CYS B 151 -15.59 18.55 2.70
C CYS B 151 -16.14 17.19 3.07
N LEU B 152 -15.86 16.22 2.21
CA LEU B 152 -16.35 14.84 2.35
C LEU B 152 -15.23 13.90 2.83
N SER B 153 -15.57 13.04 3.80
CA SER B 153 -14.59 12.19 4.45
C SER B 153 -14.87 10.70 4.27
N ALA B 154 -13.81 9.90 4.14
CA ALA B 154 -13.89 8.42 4.18
C ALA B 154 -14.54 7.92 5.48
N ASP B 155 -14.34 8.70 6.54
CA ASP B 155 -14.83 8.38 7.86
C ASP B 155 -16.36 8.36 7.96
N ASP B 156 -17.05 8.93 6.97
CA ASP B 156 -18.51 8.92 6.96
C ASP B 156 -19.01 7.53 6.58
N LEU B 157 -18.27 6.83 5.71
CA LEU B 157 -18.67 5.50 5.23
C LEU B 157 -17.85 4.39 5.86
N LYS B 158 -16.72 4.75 6.47
CA LYS B 158 -15.79 3.78 7.05
C LYS B 158 -15.18 2.85 5.98
N ILE B 159 -14.81 3.46 4.87
CA ILE B 159 -14.32 2.82 3.66
C ILE B 159 -13.32 3.79 3.01
N TYR B 160 -12.09 3.34 2.75
CA TYR B 160 -11.05 4.21 2.19
C TYR B 160 -10.97 4.16 0.66
N LYS B 161 -10.41 5.22 0.07
CA LYS B 161 -10.06 5.21 -1.34
C LYS B 161 -9.05 4.04 -1.56
N PRO B 162 -8.98 3.48 -2.79
CA PRO B 162 -9.77 3.83 -4.01
C PRO B 162 -11.04 2.98 -4.23
N ASP B 163 -11.66 2.51 -3.14
CA ASP B 163 -12.88 1.72 -3.23
C ASP B 163 -13.94 2.62 -3.87
N PRO B 164 -14.66 2.13 -4.91
CA PRO B 164 -15.60 3.02 -5.59
C PRO B 164 -16.70 3.64 -4.69
N ARG B 165 -17.08 2.99 -3.59
CA ARG B 165 -18.12 3.57 -2.74
C ARG B 165 -17.80 4.96 -2.22
N ILE B 166 -16.52 5.28 -2.03
CA ILE B 166 -16.15 6.63 -1.59
C ILE B 166 -16.36 7.72 -2.66
N TYR B 167 -16.05 7.41 -3.93
CA TYR B 167 -16.33 8.31 -5.04
C TYR B 167 -17.85 8.46 -5.24
N GLN B 168 -18.60 7.36 -5.08
CA GLN B 168 -20.07 7.37 -5.17
C GLN B 168 -20.69 8.26 -4.09
N PHE B 169 -20.16 8.16 -2.87
CA PHE B 169 -20.52 9.05 -1.75
C PHE B 169 -20.47 10.55 -2.13
N ALA B 170 -19.40 10.96 -2.83
CA ALA B 170 -19.24 12.33 -3.32
C ALA B 170 -20.36 12.71 -4.30
N CYS B 171 -20.65 11.83 -5.28
CA CYS B 171 -21.76 12.02 -6.22
C CYS B 171 -23.07 12.20 -5.47
N ASP B 172 -23.35 11.28 -4.55
CA ASP B 172 -24.53 11.33 -3.69
C ASP B 172 -24.66 12.62 -2.89
N ARG B 173 -23.63 12.98 -2.13
CA ARG B 173 -23.69 14.17 -1.30
C ARG B 173 -23.74 15.46 -2.12
N LEU B 174 -23.02 15.49 -3.25
CA LEU B 174 -22.92 16.72 -4.04
C LEU B 174 -24.02 16.88 -5.09
N GLY B 175 -24.83 15.85 -5.27
CA GLY B 175 -25.94 15.86 -6.23
C GLY B 175 -25.46 15.93 -7.67
N VAL B 176 -24.36 15.26 -7.97
CA VAL B 176 -23.80 15.26 -9.31
C VAL B 176 -23.60 13.82 -9.85
N ASN B 177 -23.58 13.71 -11.17
CA ASN B 177 -23.18 12.47 -11.81
C ASN B 177 -21.65 12.42 -11.95
N PRO B 178 -21.08 11.21 -12.04
CA PRO B 178 -19.62 11.07 -12.18
C PRO B 178 -19.06 11.94 -13.30
N ASN B 179 -19.70 11.97 -14.45
CA ASN B 179 -19.14 12.76 -15.54
C ASN B 179 -19.27 14.28 -15.45
N GLU B 180 -19.89 14.78 -14.37
CA GLU B 180 -19.96 16.22 -14.10
C GLU B 180 -18.92 16.67 -13.10
N VAL B 181 -18.07 15.71 -12.70
CA VAL B 181 -16.98 15.94 -11.76
C VAL B 181 -15.58 15.98 -12.46
N CYS B 182 -14.87 17.06 -12.19
CA CYS B 182 -13.44 17.11 -12.39
C CYS B 182 -12.73 16.75 -11.06
N PHE B 183 -12.04 15.61 -11.09
CA PHE B 183 -11.41 15.08 -9.89
C PHE B 183 -9.93 15.37 -9.92
N VAL B 184 -9.43 16.07 -8.90
CA VAL B 184 -8.04 16.55 -8.91
C VAL B 184 -7.19 15.92 -7.79
N SER B 185 -6.09 15.28 -8.15
CA SER B 185 -5.22 14.64 -7.13
C SER B 185 -3.76 14.55 -7.59
N SER B 186 -2.84 14.56 -6.62
CA SER B 186 -1.45 14.17 -6.86
C SER B 186 -1.17 12.68 -6.68
N ASN B 187 -2.15 11.96 -6.13
CA ASN B 187 -1.93 10.53 -5.81
C ASN B 187 -2.43 9.65 -6.92
N ALA B 188 -1.50 8.96 -7.59
CA ALA B 188 -1.84 8.13 -8.76
C ALA B 188 -2.88 7.04 -8.49
N TRP B 189 -2.87 6.42 -7.31
CA TRP B 189 -3.82 5.37 -6.93
C TRP B 189 -5.26 5.95 -6.80
N ASP B 190 -5.35 7.20 -6.36
CA ASP B 190 -6.58 7.93 -6.15
C ASP B 190 -7.15 8.34 -7.51
N LEU B 191 -6.29 8.83 -8.41
CA LEU B 191 -6.68 9.06 -9.82
C LEU B 191 -7.13 7.75 -10.51
N GLY B 192 -6.44 6.65 -10.24
CA GLY B 192 -6.82 5.35 -10.78
C GLY B 192 -8.22 4.95 -10.34
N GLY B 193 -8.50 5.06 -9.03
CA GLY B 193 -9.82 4.76 -8.49
C GLY B 193 -10.92 5.68 -9.00
N ALA B 194 -10.67 6.99 -8.97
CA ALA B 194 -11.60 8.01 -9.43
C ALA B 194 -11.89 7.90 -10.92
N GLY B 195 -10.87 7.61 -11.70
CA GLY B 195 -10.98 7.48 -13.17
C GLY B 195 -11.76 6.24 -13.54
N LYS B 196 -11.41 5.12 -12.90
CA LYS B 196 -12.20 3.88 -13.09
C LYS B 196 -13.66 4.05 -12.68
N PHE B 197 -13.92 4.73 -11.57
CA PHE B 197 -15.27 5.08 -11.16
C PHE B 197 -16.02 5.93 -12.22
N GLY B 198 -15.29 6.81 -12.92
CA GLY B 198 -15.94 7.66 -13.94
C GLY B 198 -15.79 9.17 -13.82
N PHE B 199 -15.07 9.66 -12.80
CA PHE B 199 -14.79 11.12 -12.72
C PHE B 199 -13.82 11.50 -13.83
N ASN B 200 -13.84 12.77 -14.25
CA ASN B 200 -12.82 13.32 -15.17
C ASN B 200 -11.58 13.67 -14.35
N THR B 201 -10.47 12.97 -14.60
CA THR B 201 -9.32 13.06 -13.71
C THR B 201 -8.22 13.98 -14.19
N VAL B 202 -7.70 14.75 -13.25
CA VAL B 202 -6.58 15.65 -13.51
C VAL B 202 -5.53 15.42 -12.45
N ARG B 203 -4.36 14.98 -12.90
CA ARG B 203 -3.21 14.80 -12.02
C ARG B 203 -2.42 16.11 -11.84
N ILE B 204 -2.13 16.47 -10.59
CA ILE B 204 -1.09 17.46 -10.28
C ILE B 204 0.21 16.67 -10.06
N ASN B 205 1.11 16.74 -11.06
CA ASN B 205 2.37 16.03 -11.05
C ASN B 205 3.45 17.10 -10.96
N ARG B 206 3.76 17.47 -9.72
CA ARG B 206 4.70 18.59 -9.47
C ARG B 206 6.14 18.27 -9.91
N GLN B 207 6.60 17.04 -9.73
CA GLN B 207 7.98 16.70 -10.00
C GLN B 207 8.16 15.91 -11.29
N GLY B 208 7.07 15.68 -12.02
CA GLY B 208 7.11 14.83 -13.23
C GLY B 208 7.44 13.35 -12.96
N ASN B 209 6.81 12.78 -11.94
CA ASN B 209 6.93 11.35 -11.65
C ASN B 209 6.38 10.53 -12.80
N PRO B 210 6.87 9.28 -12.96
CA PRO B 210 6.43 8.41 -14.03
C PRO B 210 4.93 8.08 -13.92
N PRO B 211 4.29 7.74 -15.06
CA PRO B 211 2.85 7.43 -15.08
C PRO B 211 2.57 6.05 -14.38
N GLU B 212 1.37 5.90 -13.79
CA GLU B 212 0.93 4.65 -13.17
C GLU B 212 -0.57 4.47 -13.40
N TYR B 213 -1.11 3.27 -13.17
CA TYR B 213 -2.57 3.01 -13.25
C TYR B 213 -3.14 3.45 -14.61
N GLU B 214 -2.46 3.02 -15.66
CA GLU B 214 -2.73 3.50 -17.01
C GLU B 214 -4.03 2.98 -17.58
N PHE B 215 -4.57 1.89 -17.02
CA PHE B 215 -5.94 1.42 -17.36
C PHE B 215 -7.01 2.49 -17.07
N ALA B 216 -6.70 3.52 -16.26
CA ALA B 216 -7.64 4.61 -16.04
C ALA B 216 -6.98 5.92 -16.49
N PRO B 217 -7.06 6.21 -17.82
CA PRO B 217 -6.34 7.38 -18.32
C PRO B 217 -6.80 8.71 -17.72
N LEU B 218 -5.84 9.63 -17.57
CA LEU B 218 -6.12 10.98 -17.11
C LEU B 218 -6.75 11.78 -18.22
N LYS B 219 -7.64 12.68 -17.85
CA LYS B 219 -8.10 13.71 -18.78
C LYS B 219 -6.99 14.72 -19.05
N HIS B 220 -6.24 15.09 -18.02
CA HIS B 220 -5.15 16.02 -18.14
C HIS B 220 -4.17 15.80 -17.00
N GLN B 221 -2.97 16.29 -17.20
CA GLN B 221 -1.91 16.40 -16.17
C GLN B 221 -1.27 17.79 -16.25
N VAL B 222 -1.04 18.38 -15.10
CA VAL B 222 -0.45 19.70 -14.96
C VAL B 222 0.59 19.63 -13.82
N ASN B 223 1.47 20.62 -13.72
CA ASN B 223 2.52 20.58 -12.71
C ASN B 223 2.25 21.47 -11.49
N SER B 224 1.10 22.12 -11.49
CA SER B 224 0.78 23.07 -10.46
C SER B 224 -0.72 23.21 -10.38
N LEU B 225 -1.22 23.46 -9.17
CA LEU B 225 -2.64 23.75 -9.02
C LEU B 225 -3.07 25.03 -9.81
N SER B 226 -2.20 26.03 -9.90
CA SER B 226 -2.47 27.23 -10.70
C SER B 226 -2.83 26.91 -12.17
N GLU B 227 -2.30 25.82 -12.71
CA GLU B 227 -2.61 25.42 -14.09
C GLU B 227 -3.98 24.85 -14.30
N LEU B 228 -4.68 24.60 -13.21
CA LEU B 228 -6.08 24.19 -13.29
C LEU B 228 -6.92 25.35 -13.76
N TRP B 229 -6.43 26.59 -13.55
CA TRP B 229 -7.23 27.75 -13.95
C TRP B 229 -7.48 27.84 -15.47
N PRO B 230 -6.42 27.85 -16.30
CA PRO B 230 -6.71 27.81 -17.75
C PRO B 230 -7.48 26.57 -18.19
N LEU B 231 -7.31 25.45 -17.46
CA LEU B 231 -8.04 24.21 -17.78
C LEU B 231 -9.53 24.31 -17.52
N LEU B 232 -9.91 25.07 -16.51
CA LEU B 232 -11.31 25.03 -16.05
C LEU B 232 -12.06 26.36 -16.12
N ALA B 233 -11.38 27.46 -16.44
CA ALA B 233 -12.05 28.78 -16.44
C ALA B 233 -13.23 28.75 -17.42
N LYS B 234 -14.35 29.36 -17.03
CA LYS B 234 -15.57 29.39 -17.85
C LYS B 234 -15.74 30.71 -18.61
N ASN B 235 -16.50 30.68 -19.70
CA ASN B 235 -16.87 31.90 -20.42
C ASN B 235 -17.69 32.85 -19.53
S SO4 C . 2.95 -13.54 -1.27
O1 SO4 C . 1.53 -13.71 -1.00
O2 SO4 C . 3.56 -14.85 -1.45
O3 SO4 C . 3.12 -12.76 -2.49
O4 SO4 C . 3.62 -12.91 -0.18
S SO4 D . -4.66 -3.69 -16.83
O1 SO4 D . -3.54 -2.86 -16.35
O2 SO4 D . -5.57 -3.91 -15.69
O3 SO4 D . -5.43 -3.05 -17.90
O4 SO4 D . -4.17 -4.99 -17.19
S SO4 E . 15.88 -18.28 7.46
O1 SO4 E . 16.35 -16.91 7.23
O2 SO4 E . 14.45 -18.20 7.77
O3 SO4 E . 16.12 -19.21 6.33
O4 SO4 E . 16.64 -18.83 8.58
S SO4 F . 11.25 3.21 -20.45
O1 SO4 F . 11.49 4.66 -20.45
O2 SO4 F . 10.99 2.68 -19.11
O3 SO4 F . 10.08 2.94 -21.28
O4 SO4 F . 12.41 2.49 -20.98
CL CL G . 15.46 -10.25 5.62
S SO4 H . -6.53 12.02 1.05
O1 SO4 H . -6.82 13.42 1.17
O2 SO4 H . -6.08 11.46 2.32
O3 SO4 H . -7.63 11.27 0.50
O4 SO4 H . -5.41 11.97 0.11
S SO4 I . -14.15 13.04 13.82
O1 SO4 I . -14.38 14.19 14.70
O2 SO4 I . -14.02 11.83 14.66
O3 SO4 I . -15.30 12.92 12.91
O4 SO4 I . -12.89 13.27 13.08
S SO4 J . 7.94 3.61 22.04
O1 SO4 J . 8.09 4.87 22.75
O2 SO4 J . 6.66 3.00 22.37
O3 SO4 J . 7.97 3.90 20.61
O4 SO4 J . 8.97 2.64 22.41
S SO4 K . -8.12 -1.17 15.87
O1 SO4 K . -8.60 0.09 16.38
O2 SO4 K . -8.37 -2.25 16.82
O3 SO4 K . -8.81 -1.49 14.63
O4 SO4 K . -6.65 -1.03 15.67
S SO4 L . 1.28 24.29 -6.32
O1 SO4 L . 0.59 25.12 -5.31
O2 SO4 L . 2.49 23.61 -5.78
O3 SO4 L . 0.31 23.34 -6.80
O4 SO4 L . 1.83 25.11 -7.38
S SO4 M . -2.30 35.68 -10.20
O1 SO4 M . -1.39 36.26 -11.19
O2 SO4 M . -3.65 35.55 -10.77
O3 SO4 M . -1.64 34.47 -9.69
O4 SO4 M . -2.48 36.52 -9.02
CL CL N . 5.73 17.17 -4.48
#